data_5UQJ
#
_entry.id   5UQJ
#
_cell.length_a   157.850
_cell.length_b   157.850
_cell.length_c   44.380
_cell.angle_alpha   90.00
_cell.angle_beta   90.00
_cell.angle_gamma   90.00
#
_symmetry.space_group_name_H-M   'I 41 2 2'
#
loop_
_entity.id
_entity.type
_entity.pdbx_description
1 polymer 'U6 snRNA phosphodiesterase'
2 non-polymer 'SULFATE ION'
3 non-polymer GLYCEROL
4 non-polymer 'ACETATE ION'
5 water water
#
_entity_poly.entity_id   1
_entity_poly.type   'polypeptide(L)'
_entity_poly.pdbx_seq_one_letter_code
;GMSRFWRSFTYFEWRPTPAIHRQLQKIICKYKETFMKQEYTNPYQLVDFDPLFISHLGAPKPLHVSLTRSLLFETEEQRH
VFIQEMRNGLRNNEITPFKLQICSYPKLYISERANTLYLGLPVSECPNKAQISPFKTIIAEALQKSGISNYQDLIVSRQN
LHVSIAIASNPSKATLKRYQQLNETMGALLLLNNDFAYKLEFLVNSIYCDENRHSIRIPFN
;
_entity_poly.pdbx_strand_id   A
#
loop_
_chem_comp.id
_chem_comp.type
_chem_comp.name
_chem_comp.formula
ACT non-polymer 'ACETATE ION' 'C2 H3 O2 -1'
GOL non-polymer GLYCEROL 'C3 H8 O3'
SO4 non-polymer 'SULFATE ION' 'O4 S -2'
#
# COMPACT_ATOMS: atom_id res chain seq x y z
N ARG A 4 1.15 5.56 23.38
CA ARG A 4 0.41 6.63 24.05
C ARG A 4 -1.04 6.60 23.69
N PHE A 5 -1.31 6.26 22.43
CA PHE A 5 -2.70 6.46 21.95
C PHE A 5 -3.27 5.16 21.43
N TRP A 6 -4.39 5.24 20.73
CA TRP A 6 -5.01 4.04 20.22
C TRP A 6 -4.97 4.18 18.70
N ARG A 7 -4.05 3.53 18.06
CA ARG A 7 -3.88 3.83 16.65
C ARG A 7 -4.56 2.81 15.76
N SER A 8 -4.82 3.20 14.52
CA SER A 8 -5.20 2.20 13.53
C SER A 8 -4.64 2.58 12.20
N PHE A 9 -4.84 1.71 11.22
CA PHE A 9 -4.67 2.11 9.86
C PHE A 9 -5.32 1.04 9.03
N THR A 10 -5.66 1.41 7.83
CA THR A 10 -6.57 0.67 6.97
C THR A 10 -5.84 0.16 5.73
N TYR A 11 -6.10 -1.09 5.38
CA TYR A 11 -5.37 -1.73 4.28
C TYR A 11 -6.07 -2.92 3.66
N PHE A 12 -5.67 -3.21 2.40
CA PHE A 12 -6.02 -4.48 1.74
C PHE A 12 -4.80 -5.38 1.89
N GLU A 13 -5.01 -6.69 2.02
CA GLU A 13 -3.89 -7.62 2.14
C GLU A 13 -3.75 -8.51 0.91
N TRP A 14 -2.51 -8.84 0.54
CA TRP A 14 -2.21 -9.70 -0.59
C TRP A 14 -1.29 -10.81 -0.11
N ARG A 15 -1.61 -12.09 -0.38
CA ARG A 15 -0.68 -13.21 -0.03
C ARG A 15 -0.18 -13.83 -1.32
N PRO A 16 0.94 -13.33 -1.84
CA PRO A 16 1.41 -13.72 -3.17
C PRO A 16 1.83 -15.17 -3.15
N THR A 17 1.56 -15.88 -4.24
CA THR A 17 2.01 -17.26 -4.40
C THR A 17 3.50 -17.34 -4.72
N PRO A 18 4.09 -18.57 -4.62
CA PRO A 18 5.47 -18.72 -5.06
C PRO A 18 5.66 -18.29 -6.52
N ALA A 19 4.66 -18.50 -7.39
CA ALA A 19 4.79 -18.04 -8.77
C ALA A 19 5.00 -16.51 -8.81
N ILE A 20 4.18 -15.77 -8.09
CA ILE A 20 4.37 -14.32 -8.02
C ILE A 20 5.67 -13.87 -7.30
N HIS A 21 6.05 -14.53 -6.21
CA HIS A 21 7.34 -14.26 -5.58
C HIS A 21 8.47 -14.20 -6.62
N ARG A 22 8.49 -15.20 -7.51
CA ARG A 22 9.55 -15.25 -8.53
C ARG A 22 9.53 -14.00 -9.42
N GLN A 23 8.32 -13.57 -9.76
CA GLN A 23 8.21 -12.37 -10.59
C GLN A 23 8.61 -11.11 -9.85
N LEU A 24 8.18 -10.99 -8.58
CA LEU A 24 8.55 -9.83 -7.78
C LEU A 24 10.08 -9.73 -7.54
N GLN A 25 10.68 -10.89 -7.30
CA GLN A 25 12.15 -10.97 -7.20
C GLN A 25 12.87 -10.49 -8.50
N LYS A 26 12.38 -10.92 -9.65
CA LYS A 26 12.91 -10.40 -10.92
C LYS A 26 12.75 -8.91 -11.00
N ILE A 27 11.57 -8.37 -10.62
CA ILE A 27 11.38 -6.92 -10.73
C ILE A 27 12.42 -6.22 -9.89
N ILE A 28 12.65 -6.75 -8.70
CA ILE A 28 13.52 -6.06 -7.79
C ILE A 28 14.98 -6.12 -8.33
N CYS A 29 15.38 -7.30 -8.74
N CYS A 29 15.37 -7.32 -8.73
CA CYS A 29 16.74 -7.43 -9.32
CA CYS A 29 16.67 -7.55 -9.38
C CYS A 29 16.95 -6.50 -10.53
C CYS A 29 16.92 -6.55 -10.52
N LYS A 30 16.01 -6.48 -11.47
CA LYS A 30 16.20 -5.61 -12.65
C LYS A 30 16.16 -4.13 -12.33
N TYR A 31 15.30 -3.71 -11.38
CA TYR A 31 15.32 -2.31 -10.94
C TYR A 31 16.69 -1.98 -10.41
N LYS A 32 17.26 -2.89 -9.65
CA LYS A 32 18.50 -2.49 -8.99
C LYS A 32 19.67 -2.49 -10.00
N GLU A 33 19.66 -3.46 -10.92
CA GLU A 33 20.56 -3.40 -12.09
C GLU A 33 20.47 -2.03 -12.76
N THR A 34 19.27 -1.61 -13.15
CA THR A 34 19.14 -0.36 -13.84
C THR A 34 19.57 0.82 -13.00
N PHE A 35 19.23 0.79 -11.72
CA PHE A 35 19.67 1.80 -10.78
C PHE A 35 21.21 1.84 -10.74
N MET A 36 21.81 0.73 -10.30
CA MET A 36 23.25 0.67 -10.03
C MET A 36 24.12 1.20 -11.19
N LYS A 37 23.83 0.81 -12.41
CA LYS A 37 24.43 1.50 -13.55
C LYS A 37 23.44 2.47 -14.20
N VAL A 47 22.82 1.76 -2.22
CA VAL A 47 21.48 1.27 -1.88
C VAL A 47 21.28 -0.17 -2.34
N ASP A 48 20.79 -1.02 -1.43
CA ASP A 48 20.34 -2.38 -1.78
C ASP A 48 18.92 -2.65 -1.23
N PHE A 49 18.16 -3.53 -1.88
CA PHE A 49 16.74 -3.77 -1.48
C PHE A 49 16.48 -5.14 -0.93
N ASP A 50 15.80 -5.24 0.22
CA ASP A 50 15.40 -6.52 0.72
C ASP A 50 13.89 -6.80 0.45
N PRO A 51 13.56 -8.03 0.02
CA PRO A 51 12.14 -8.27 -0.37
C PRO A 51 11.23 -8.29 0.87
N LEU A 52 10.05 -7.68 0.75
CA LEU A 52 9.12 -7.63 1.89
C LEU A 52 8.19 -8.87 1.96
N PHE A 53 8.19 -9.71 0.91
CA PHE A 53 7.32 -10.86 0.85
C PHE A 53 8.04 -12.16 1.24
N ILE A 54 9.28 -12.04 1.67
CA ILE A 54 10.12 -13.16 2.18
C ILE A 54 10.68 -12.79 3.56
N SER A 55 10.55 -13.65 4.56
CA SER A 55 11.06 -13.31 5.90
C SER A 55 12.54 -13.60 6.05
N HIS A 56 13.11 -13.32 7.22
CA HIS A 56 14.54 -13.55 7.34
C HIS A 56 14.84 -15.05 7.48
N LEU A 57 13.82 -15.88 7.67
CA LEU A 57 13.99 -17.33 7.64
C LEU A 57 13.57 -17.88 6.30
N GLY A 58 13.25 -17.02 5.35
CA GLY A 58 12.85 -17.48 4.04
C GLY A 58 11.40 -17.92 3.87
N ALA A 59 10.50 -17.53 4.77
CA ALA A 59 9.08 -17.84 4.61
C ALA A 59 8.29 -16.73 3.93
N PRO A 60 7.12 -17.08 3.35
CA PRO A 60 6.24 -16.07 2.76
C PRO A 60 5.74 -15.10 3.79
N LYS A 61 5.65 -13.83 3.44
CA LYS A 61 5.04 -12.82 4.28
C LYS A 61 4.07 -12.05 3.41
N PRO A 62 2.93 -11.68 3.97
CA PRO A 62 1.93 -10.94 3.22
C PRO A 62 2.35 -9.54 2.87
N LEU A 63 1.79 -9.03 1.77
CA LEU A 63 1.99 -7.66 1.36
C LEU A 63 0.69 -6.90 1.61
N HIS A 64 0.73 -5.58 1.50
CA HIS A 64 -0.54 -4.87 1.63
C HIS A 64 -0.58 -3.61 0.80
N VAL A 65 -1.80 -3.08 0.63
CA VAL A 65 -1.99 -1.75 0.06
C VAL A 65 -2.49 -0.86 1.16
N SER A 66 -1.73 0.17 1.56
CA SER A 66 -2.27 1.07 2.63
C SER A 66 -3.25 2.07 2.06
N LEU A 67 -4.44 2.17 2.68
CA LEU A 67 -5.41 3.16 2.26
C LEU A 67 -5.39 4.40 3.13
N THR A 68 -4.82 4.30 4.32
CA THR A 68 -4.58 5.47 5.10
C THR A 68 -3.14 5.49 5.65
N ARG A 69 -2.67 6.65 6.03
CA ARG A 69 -1.63 6.78 7.03
C ARG A 69 -2.08 6.28 8.42
N SER A 70 -1.16 6.33 9.40
CA SER A 70 -1.51 5.98 10.75
C SER A 70 -2.54 6.95 11.28
N LEU A 71 -3.50 6.39 12.02
CA LEU A 71 -4.67 7.14 12.50
C LEU A 71 -4.56 7.21 14.01
N LEU A 72 -4.34 8.40 14.53
CA LEU A 72 -4.19 8.57 15.98
C LEU A 72 -5.56 8.86 16.59
N PHE A 73 -6.08 7.92 17.36
CA PHE A 73 -7.29 8.13 18.15
C PHE A 73 -6.89 8.34 19.58
N GLU A 74 -7.38 9.41 20.19
CA GLU A 74 -7.01 9.68 21.57
C GLU A 74 -7.68 8.76 22.56
N THR A 75 -8.76 8.07 22.14
CA THR A 75 -9.46 7.18 23.04
C THR A 75 -9.80 5.92 22.31
N GLU A 76 -9.92 4.85 23.08
CA GLU A 76 -10.32 3.58 22.51
C GLU A 76 -11.76 3.68 21.94
N GLU A 77 -12.62 4.49 22.56
CA GLU A 77 -14.00 4.65 22.04
C GLU A 77 -14.02 5.25 20.64
N GLN A 78 -13.24 6.29 20.43
CA GLN A 78 -13.21 6.86 19.07
C GLN A 78 -12.73 5.87 17.99
N ARG A 79 -11.71 5.08 18.31
CA ARG A 79 -11.23 4.12 17.33
C ARG A 79 -12.32 3.07 17.03
N HIS A 80 -13.02 2.65 18.09
CA HIS A 80 -14.17 1.79 17.91
C HIS A 80 -15.28 2.34 16.95
N VAL A 81 -15.61 3.62 17.07
CA VAL A 81 -16.58 4.26 16.20
C VAL A 81 -16.07 4.22 14.75
N PHE A 82 -14.77 4.50 14.58
CA PHE A 82 -14.17 4.43 13.24
C PHE A 82 -14.43 3.07 12.59
N ILE A 83 -14.16 2.02 13.35
CA ILE A 83 -14.23 0.69 12.81
C ILE A 83 -15.68 0.33 12.52
N GLN A 84 -16.61 0.75 13.40
CA GLN A 84 -18.03 0.49 13.13
C GLN A 84 -18.46 1.22 11.93
N GLU A 85 -17.99 2.45 11.76
CA GLU A 85 -18.47 3.24 10.62
C GLU A 85 -17.86 2.73 9.31
N MET A 86 -16.67 2.13 9.40
CA MET A 86 -16.13 1.47 8.20
C MET A 86 -17.05 0.37 7.76
N ARG A 87 -17.45 -0.48 8.71
CA ARG A 87 -18.32 -1.58 8.35
C ARG A 87 -19.67 -1.05 7.79
N ASN A 88 -20.23 -0.01 8.41
N ASN A 88 -20.20 0.00 8.40
CA ASN A 88 -21.53 0.51 7.96
CA ASN A 88 -21.51 0.52 7.99
C ASN A 88 -21.41 1.08 6.57
C ASN A 88 -21.41 1.10 6.59
N GLY A 89 -20.30 1.77 6.31
CA GLY A 89 -20.07 2.36 5.02
C GLY A 89 -19.92 1.34 3.91
N LEU A 90 -19.24 0.24 4.23
CA LEU A 90 -19.15 -0.86 3.28
C LEU A 90 -20.52 -1.49 2.99
N ARG A 91 -21.32 -1.66 4.02
CA ARG A 91 -22.63 -2.32 3.82
C ARG A 91 -23.53 -1.42 2.97
N ASN A 92 -23.56 -0.14 3.29
CA ASN A 92 -24.45 0.78 2.57
C ASN A 92 -24.01 1.12 1.15
N ASN A 93 -22.73 0.91 0.85
CA ASN A 93 -22.26 1.13 -0.51
C ASN A 93 -22.26 -0.18 -1.29
N GLU A 94 -22.69 -1.25 -0.63
CA GLU A 94 -22.85 -2.55 -1.26
C GLU A 94 -21.53 -3.07 -1.88
N ILE A 95 -20.43 -2.91 -1.15
CA ILE A 95 -19.14 -3.35 -1.65
C ILE A 95 -19.06 -4.89 -1.70
N THR A 96 -18.70 -5.44 -2.84
CA THR A 96 -18.49 -6.87 -2.95
C THR A 96 -17.04 -7.14 -3.42
N PRO A 97 -16.56 -8.39 -3.32
CA PRO A 97 -15.16 -8.64 -3.74
C PRO A 97 -14.84 -8.20 -5.16
N PHE A 98 -13.61 -7.80 -5.36
CA PHE A 98 -13.14 -7.42 -6.66
C PHE A 98 -11.64 -7.79 -6.78
N LYS A 99 -11.16 -7.84 -8.02
CA LYS A 99 -9.73 -8.01 -8.22
C LYS A 99 -9.10 -6.67 -8.40
N LEU A 100 -7.94 -6.51 -7.77
CA LEU A 100 -7.21 -5.29 -7.87
C LEU A 100 -5.99 -5.49 -8.79
N GLN A 101 -5.84 -4.61 -9.78
CA GLN A 101 -4.76 -4.68 -10.78
C GLN A 101 -3.56 -3.88 -10.30
N ILE A 102 -2.38 -4.51 -10.36
CA ILE A 102 -1.13 -3.94 -9.86
C ILE A 102 -0.11 -3.75 -11.01
N CYS A 103 0.44 -2.54 -11.18
CA CYS A 103 1.48 -2.27 -12.16
C CYS A 103 2.74 -3.09 -11.90
N SER A 104 3.40 -3.52 -12.99
CA SER A 104 4.65 -4.28 -12.90
C SER A 104 5.90 -3.40 -12.79
N TYR A 105 5.77 -2.12 -13.10
CA TYR A 105 6.90 -1.24 -13.06
C TYR A 105 6.90 -0.54 -11.71
N PRO A 106 8.00 -0.63 -10.96
CA PRO A 106 8.07 -0.04 -9.61
C PRO A 106 8.61 1.36 -9.58
N LYS A 107 8.40 1.99 -8.42
CA LYS A 107 9.06 3.22 -8.13
C LYS A 107 9.30 3.27 -6.60
N LEU A 108 9.88 4.36 -6.18
CA LEU A 108 10.22 4.54 -4.81
C LEU A 108 9.14 5.32 -4.08
N TYR A 109 8.87 4.86 -2.85
CA TYR A 109 7.89 5.55 -2.00
C TYR A 109 8.53 5.88 -0.65
N ILE A 110 8.28 7.04 -0.09
CA ILE A 110 8.90 7.36 1.18
C ILE A 110 8.01 6.80 2.32
N SER A 111 8.64 6.30 3.36
CA SER A 111 7.88 5.78 4.49
C SER A 111 7.10 6.87 5.18
N GLU A 112 6.11 6.47 6.01
CA GLU A 112 5.32 7.44 6.71
C GLU A 112 6.14 8.37 7.60
N ARG A 113 7.20 7.87 8.26
CA ARG A 113 8.01 8.75 9.11
C ARG A 113 9.24 9.29 8.39
N ALA A 114 9.33 9.02 7.10
CA ALA A 114 10.25 9.68 6.18
C ALA A 114 11.71 9.31 6.34
N ASN A 115 12.04 8.21 7.01
CA ASN A 115 13.45 7.84 7.08
C ASN A 115 13.79 6.55 6.35
N THR A 116 12.82 6.03 5.63
CA THR A 116 12.98 4.77 4.90
C THR A 116 12.42 4.93 3.52
N LEU A 117 12.93 4.15 2.53
CA LEU A 117 12.37 4.16 1.20
C LEU A 117 11.94 2.72 0.86
N TYR A 118 10.81 2.61 0.19
CA TYR A 118 10.33 1.32 -0.26
C TYR A 118 10.33 1.30 -1.76
N LEU A 119 10.60 0.12 -2.33
CA LEU A 119 10.33 -0.10 -3.75
C LEU A 119 8.90 -0.60 -3.81
N GLY A 120 8.02 0.14 -4.51
CA GLY A 120 6.65 -0.29 -4.62
C GLY A 120 6.05 -0.37 -6.02
N LEU A 121 4.96 -1.14 -6.10
CA LEU A 121 4.18 -1.30 -7.33
C LEU A 121 2.88 -0.49 -7.24
N PRO A 122 2.69 0.50 -8.14
CA PRO A 122 1.47 1.30 -8.14
C PRO A 122 0.24 0.41 -8.28
N VAL A 123 -0.82 0.81 -7.57
CA VAL A 123 -2.12 0.26 -7.80
C VAL A 123 -2.63 1.09 -8.97
N SER A 124 -2.76 0.51 -10.16
CA SER A 124 -2.95 1.36 -11.33
C SER A 124 -4.32 2.06 -11.28
N GLU A 125 -4.31 3.35 -11.58
CA GLU A 125 -5.47 4.20 -11.38
C GLU A 125 -6.62 3.87 -12.32
N CYS A 126 -6.33 3.72 -13.61
N CYS A 126 -6.32 3.74 -13.62
CA CYS A 126 -7.43 3.58 -14.58
CA CYS A 126 -7.39 3.57 -14.61
C CYS A 126 -8.20 2.24 -14.48
C CYS A 126 -8.18 2.25 -14.47
N PRO A 127 -7.50 1.09 -14.49
CA PRO A 127 -8.31 -0.13 -14.42
C PRO A 127 -8.94 -0.43 -13.04
N ASN A 128 -8.50 0.25 -11.99
CA ASN A 128 -9.08 0.02 -10.66
C ASN A 128 -10.06 1.10 -10.20
N LYS A 129 -10.19 2.13 -11.04
CA LYS A 129 -10.93 3.35 -10.66
C LYS A 129 -12.31 3.03 -10.14
N ALA A 130 -13.04 2.16 -10.85
CA ALA A 130 -14.41 1.91 -10.46
C ALA A 130 -14.44 1.14 -9.15
N GLN A 131 -13.39 0.37 -8.90
CA GLN A 131 -13.38 -0.55 -7.75
C GLN A 131 -12.98 0.18 -6.49
N ILE A 132 -12.04 1.10 -6.65
CA ILE A 132 -11.37 1.86 -5.60
C ILE A 132 -12.07 3.16 -5.19
N SER A 133 -12.74 3.83 -6.13
CA SER A 133 -13.37 5.14 -5.86
C SER A 133 -14.22 5.20 -4.58
N PRO A 134 -15.02 4.17 -4.32
CA PRO A 134 -15.91 4.30 -3.15
C PRO A 134 -15.20 4.38 -1.81
N PHE A 135 -13.97 3.88 -1.72
CA PHE A 135 -13.36 3.72 -0.43
C PHE A 135 -12.98 5.08 0.11
N LYS A 136 -12.66 6.03 -0.76
CA LYS A 136 -12.33 7.37 -0.28
C LYS A 136 -13.45 7.97 0.62
N THR A 137 -14.69 7.99 0.14
CA THR A 137 -15.75 8.61 0.93
C THR A 137 -16.12 7.72 2.12
N ILE A 138 -16.04 6.40 1.98
CA ILE A 138 -16.32 5.50 3.10
C ILE A 138 -15.31 5.77 4.25
N ILE A 139 -14.03 5.89 3.90
CA ILE A 139 -13.05 6.15 4.95
C ILE A 139 -13.18 7.57 5.50
N ALA A 140 -13.37 8.55 4.62
CA ALA A 140 -13.47 9.92 5.02
C ALA A 140 -14.63 10.07 6.04
N GLU A 141 -15.70 9.36 5.75
CA GLU A 141 -16.89 9.50 6.57
C GLU A 141 -16.64 8.82 7.92
N ALA A 142 -16.03 7.65 7.91
CA ALA A 142 -15.75 6.98 9.17
C ALA A 142 -14.75 7.81 9.99
N LEU A 143 -13.79 8.42 9.30
CA LEU A 143 -12.86 9.30 10.01
C LEU A 143 -13.53 10.50 10.64
N GLN A 144 -14.34 11.21 9.86
CA GLN A 144 -15.01 12.37 10.46
C GLN A 144 -15.90 12.00 11.63
N LYS A 145 -16.63 10.90 11.50
CA LYS A 145 -17.52 10.43 12.56
C LYS A 145 -16.81 10.05 13.83
N SER A 146 -15.53 9.71 13.72
CA SER A 146 -14.81 9.26 14.92
C SER A 146 -13.91 10.34 15.47
N GLY A 147 -14.01 11.55 14.93
CA GLY A 147 -13.32 12.66 15.55
C GLY A 147 -12.12 13.13 14.79
N ILE A 148 -11.79 12.47 13.68
CA ILE A 148 -10.75 13.02 12.81
C ILE A 148 -11.33 13.84 11.66
N SER A 149 -11.56 15.13 11.87
CA SER A 149 -12.27 15.85 10.82
C SER A 149 -11.31 16.30 9.71
N ASN A 150 -10.02 16.38 10.02
CA ASN A 150 -9.05 16.77 9.00
C ASN A 150 -8.44 15.54 8.36
N TYR A 151 -9.26 14.89 7.53
CA TYR A 151 -8.99 13.56 6.99
C TYR A 151 -8.24 13.58 5.68
N GLN A 152 -8.15 14.74 5.03
CA GLN A 152 -7.60 14.79 3.68
C GLN A 152 -6.15 14.29 3.62
N ASP A 153 -5.35 14.63 4.61
CA ASP A 153 -3.94 14.26 4.60
C ASP A 153 -3.78 12.80 5.02
N LEU A 154 -4.82 12.21 5.64
CA LEU A 154 -4.69 10.85 6.15
C LEU A 154 -5.10 9.76 5.12
N ILE A 155 -5.90 10.12 4.12
CA ILE A 155 -6.36 9.12 3.15
C ILE A 155 -5.37 9.11 2.02
N VAL A 156 -4.88 7.93 1.64
CA VAL A 156 -3.84 7.88 0.58
C VAL A 156 -4.50 8.22 -0.76
N SER A 157 -3.94 9.19 -1.46
CA SER A 157 -4.43 9.57 -2.81
C SER A 157 -4.36 8.45 -3.81
N ARG A 158 -5.32 8.36 -4.76
CA ARG A 158 -5.32 7.23 -5.71
C ARG A 158 -4.00 7.09 -6.45
N GLN A 159 -3.36 8.22 -6.70
CA GLN A 159 -2.11 8.23 -7.44
C GLN A 159 -0.93 7.76 -6.57
N ASN A 160 -1.15 7.58 -5.28
CA ASN A 160 -0.05 7.11 -4.38
C ASN A 160 -0.30 5.72 -3.85
N LEU A 161 -1.46 5.16 -4.16
CA LEU A 161 -1.76 3.78 -3.74
C LEU A 161 -0.73 2.79 -4.34
N HIS A 162 -0.18 1.89 -3.51
CA HIS A 162 0.88 1.03 -3.99
C HIS A 162 1.02 -0.15 -3.09
N VAL A 163 1.74 -1.16 -3.57
CA VAL A 163 2.09 -2.30 -2.76
C VAL A 163 3.62 -2.26 -2.59
N SER A 164 4.14 -2.08 -1.39
CA SER A 164 5.62 -2.11 -1.21
C SER A 164 6.10 -3.51 -1.38
N ILE A 165 7.17 -3.75 -2.16
CA ILE A 165 7.64 -5.13 -2.32
C ILE A 165 9.08 -5.30 -1.86
N ALA A 166 9.74 -4.18 -1.66
CA ALA A 166 11.03 -4.24 -1.05
C ALA A 166 11.33 -3.00 -0.23
N ILE A 167 12.24 -3.13 0.71
CA ILE A 167 12.68 -2.00 1.51
C ILE A 167 14.13 -1.67 1.17
N ALA A 168 14.43 -0.41 0.97
CA ALA A 168 15.80 -0.05 0.69
C ALA A 168 16.68 -0.27 1.92
N SER A 169 17.77 -1.04 1.78
CA SER A 169 18.67 -1.18 2.91
C SER A 169 19.55 0.06 2.93
N ASN A 170 19.53 0.79 4.04
CA ASN A 170 20.49 1.86 4.33
C ASN A 170 20.55 3.01 3.31
N PRO A 171 19.61 3.97 3.44
CA PRO A 171 19.33 4.90 2.33
C PRO A 171 20.39 6.00 2.10
N SER A 172 20.37 7.06 2.94
CA SER A 172 21.16 8.32 2.79
C SER A 172 20.25 9.53 2.79
N LYS A 173 20.65 10.53 3.57
CA LYS A 173 19.85 11.74 3.73
C LYS A 173 19.64 12.39 2.37
N ALA A 174 20.63 12.22 1.49
CA ALA A 174 20.63 12.87 0.19
C ALA A 174 19.67 12.13 -0.72
N THR A 175 19.80 10.80 -0.70
CA THR A 175 18.93 9.93 -1.47
C THR A 175 17.47 10.06 -1.05
N LEU A 176 17.23 10.12 0.27
CA LEU A 176 15.89 10.37 0.81
C LEU A 176 15.43 11.75 0.41
N LYS A 177 16.34 12.71 0.42
CA LYS A 177 15.98 14.09 0.10
C LYS A 177 15.47 14.18 -1.33
N ARG A 178 16.06 13.40 -2.23
CA ARG A 178 15.81 13.52 -3.65
C ARG A 178 15.09 12.31 -4.29
N TYR A 179 14.25 11.62 -3.52
CA TYR A 179 13.69 10.39 -4.05
C TYR A 179 12.75 10.68 -5.25
N GLN A 180 12.01 11.77 -5.19
CA GLN A 180 11.10 12.09 -6.27
C GLN A 180 11.84 12.38 -7.57
N GLN A 181 13.02 12.97 -7.48
CA GLN A 181 13.81 13.25 -8.67
C GLN A 181 14.47 11.96 -9.13
N LEU A 182 14.81 11.10 -8.20
CA LEU A 182 15.28 9.78 -8.59
C LEU A 182 14.20 9.02 -9.37
N ASN A 183 12.96 9.14 -8.90
CA ASN A 183 11.82 8.49 -9.57
C ASN A 183 11.65 8.94 -11.04
N GLU A 184 11.83 10.24 -11.27
CA GLU A 184 11.79 10.80 -12.63
C GLU A 184 12.88 10.16 -13.51
N THR A 185 14.12 10.18 -13.02
CA THR A 185 15.25 9.53 -13.70
C THR A 185 15.11 8.03 -13.93
N MET A 186 14.72 7.30 -12.89
CA MET A 186 14.56 5.86 -13.00
C MET A 186 13.34 5.45 -13.83
N GLY A 187 12.24 6.19 -13.70
CA GLY A 187 11.02 5.91 -14.45
C GLY A 187 11.24 5.90 -15.96
N ALA A 188 11.98 6.89 -16.43
CA ALA A 188 12.45 7.02 -17.82
C ALA A 188 13.36 5.89 -18.22
N LEU A 189 14.36 5.60 -17.40
CA LEU A 189 15.25 4.51 -17.69
C LEU A 189 14.52 3.19 -17.64
N LEU A 190 13.53 3.02 -16.75
CA LEU A 190 12.94 1.67 -16.66
C LEU A 190 12.22 1.36 -17.96
N LEU A 191 11.55 2.37 -18.51
CA LEU A 191 10.84 2.24 -19.78
C LEU A 191 11.78 1.94 -20.96
N LEU A 192 13.00 2.50 -20.91
CA LEU A 192 13.98 2.28 -21.98
C LEU A 192 14.71 0.96 -21.78
N ASN A 193 14.98 0.62 -20.51
CA ASN A 193 15.86 -0.50 -20.19
C ASN A 193 15.22 -1.85 -19.97
N ASN A 194 14.02 -1.85 -19.35
CA ASN A 194 13.50 -3.05 -18.77
C ASN A 194 12.13 -3.41 -19.33
N ASP A 195 11.85 -4.69 -19.37
CA ASP A 195 10.60 -5.09 -19.96
C ASP A 195 9.97 -6.07 -18.99
N PHE A 196 9.08 -5.51 -18.15
CA PHE A 196 8.40 -6.21 -17.05
C PHE A 196 7.05 -6.66 -17.52
N ALA A 197 6.95 -7.91 -17.93
CA ALA A 197 5.77 -8.32 -18.63
C ALA A 197 4.98 -9.26 -17.73
N TYR A 198 4.57 -8.75 -16.59
CA TYR A 198 3.79 -9.57 -15.67
C TYR A 198 2.38 -9.01 -15.50
N LYS A 199 1.41 -9.91 -15.32
CA LYS A 199 0.01 -9.51 -15.11
C LYS A 199 -0.34 -9.64 -13.63
N LEU A 200 -0.09 -8.61 -12.84
CA LEU A 200 -0.22 -8.74 -11.40
C LEU A 200 -1.61 -8.35 -10.95
N GLU A 201 -2.22 -9.18 -10.11
CA GLU A 201 -3.52 -8.79 -9.53
C GLU A 201 -3.84 -9.67 -8.36
N PHE A 202 -4.78 -9.25 -7.52
CA PHE A 202 -5.18 -10.10 -6.42
C PHE A 202 -6.61 -9.79 -6.04
N LEU A 203 -7.26 -10.79 -5.48
CA LEU A 203 -8.65 -10.67 -5.03
C LEU A 203 -8.73 -9.91 -3.70
N VAL A 204 -9.60 -8.92 -3.62
CA VAL A 204 -9.89 -8.21 -2.38
C VAL A 204 -11.29 -8.64 -1.87
N ASN A 205 -11.34 -9.45 -0.82
CA ASN A 205 -12.51 -9.98 -0.11
C ASN A 205 -12.89 -9.15 1.12
N SER A 206 -11.97 -8.32 1.59
CA SER A 206 -12.24 -7.60 2.82
C SER A 206 -11.24 -6.46 2.97
N ILE A 207 -11.48 -5.60 3.96
CA ILE A 207 -10.58 -4.51 4.30
C ILE A 207 -10.21 -4.68 5.78
N TYR A 208 -8.97 -4.34 6.13
CA TYR A 208 -8.43 -4.48 7.47
C TYR A 208 -8.20 -3.16 8.15
N CYS A 209 -8.49 -3.12 9.46
CA CYS A 209 -8.16 -1.98 10.29
C CYS A 209 -7.30 -2.53 11.40
N ASP A 210 -6.06 -2.10 11.42
CA ASP A 210 -5.07 -2.61 12.34
C ASP A 210 -5.41 -2.13 13.73
N GLU A 211 -4.84 -2.83 14.69
CA GLU A 211 -4.76 -2.44 16.08
C GLU A 211 -3.47 -3.10 16.61
N ASN A 212 -2.94 -2.64 17.73
CA ASN A 212 -1.70 -3.24 18.23
C ASN A 212 -1.95 -4.73 18.52
N ARG A 213 -2.94 -5.00 19.35
CA ARG A 213 -3.41 -6.35 19.62
C ARG A 213 -3.54 -7.17 18.36
N HIS A 214 -4.46 -6.79 17.46
CA HIS A 214 -4.67 -7.60 16.26
C HIS A 214 -5.38 -6.77 15.21
N SER A 215 -5.41 -7.28 13.99
CA SER A 215 -5.96 -6.54 12.89
C SER A 215 -7.39 -7.02 12.70
N ILE A 216 -8.30 -6.08 12.69
CA ILE A 216 -9.70 -6.37 12.51
C ILE A 216 -10.03 -6.50 11.02
N ARG A 217 -10.49 -7.68 10.63
CA ARG A 217 -10.86 -7.94 9.25
C ARG A 217 -12.37 -7.62 9.08
N ILE A 218 -12.70 -6.76 8.12
CA ILE A 218 -14.08 -6.36 7.92
C ILE A 218 -14.45 -6.92 6.59
N PRO A 219 -15.41 -7.88 6.59
CA PRO A 219 -15.77 -8.59 5.36
C PRO A 219 -16.69 -7.70 4.52
N PHE A 220 -16.65 -7.98 3.22
CA PHE A 220 -17.42 -7.18 2.30
C PHE A 220 -18.83 -7.78 2.22
N ASN A 221 -19.71 -7.06 1.51
CA ASN A 221 -21.16 -7.31 1.30
C ASN A 221 -22.02 -6.53 2.32
S SO4 B . 4.07 1.19 2.85
O1 SO4 B . 4.53 -0.15 2.63
O2 SO4 B . 4.76 2.13 1.94
O3 SO4 B . 2.63 1.25 2.64
O4 SO4 B . 4.37 1.59 4.20
S SO4 C . 10.94 4.88 9.26
O1 SO4 C . 10.70 5.03 10.70
O2 SO4 C . 12.34 4.45 8.96
O3 SO4 C . 10.01 3.89 8.77
O4 SO4 C . 10.76 6.11 8.61
S SO4 D . 2.98 7.84 19.55
O1 SO4 D . 3.03 7.72 21.00
O2 SO4 D . 4.25 7.56 18.90
O3 SO4 D . 1.95 6.86 19.18
O4 SO4 D . 2.65 9.18 19.10
S SO4 E . -7.87 10.90 -5.11
O1 SO4 E . -7.53 9.66 -4.44
O2 SO4 E . -7.02 11.05 -6.29
O3 SO4 E . -9.27 10.82 -5.54
O4 SO4 E . -7.63 12.03 -4.19
S SO4 F . -23.64 -7.41 9.38
O1 SO4 F . -23.24 -7.99 10.64
O2 SO4 F . -22.75 -7.86 8.31
O3 SO4 F . -24.99 -7.85 9.06
O4 SO4 F . -23.61 -5.95 9.45
C1 GOL G . 9.63 -12.32 10.65
O1 GOL G . 8.21 -12.28 10.49
C2 GOL G . 10.28 -11.10 9.98
O2 GOL G . 10.56 -10.01 10.82
C3 GOL G . 11.61 -11.49 9.46
O3 GOL G . 11.58 -10.92 8.19
C ACT H . -8.57 -10.85 1.74
O ACT H . -7.49 -11.05 2.35
OXT ACT H . -9.56 -11.40 2.23
CH3 ACT H . -8.77 -9.91 0.61
#